data_7ZVP
#
_entry.id   7ZVP
#
_cell.length_a   56.727
_cell.length_b   56.727
_cell.length_c   182.015
_cell.angle_alpha   90
_cell.angle_beta   90
_cell.angle_gamma   90
#
_symmetry.space_group_name_H-M   'P 41 21 2'
#
loop_
_entity.id
_entity.type
_entity.pdbx_description
1 polymer 'Glutathione transferase'
2 non-polymer S-Hydroxy-Glutathione
3 non-polymer 'ACETATE ION'
4 water water
#
_entity_poly.entity_id   1
_entity_poly.type   'polypeptide(L)'
_entity_poly.pdbx_seq_one_letter_code
;MADVKLHGFWASPFSYRVIWALKLKGVEFEYIEEDLANKSELLLKYNPVYKQIPVFVHGGKPIAESLVILEYIEETWPEN
PLLPTDPYERAMARFWIQYGATKSAAFGALFRASGEELEKAAKEVVEVLRVLQEQGLGDKKFFGGDSINLVDISYGLFVY
WLAAIEDIVGVKVLEPSTLPRLHAWAQNFIEVPLIKENHPDNDKLLLHMKGVREKMMNK
;
_entity_poly.pdbx_strand_id   A
#
loop_
_chem_comp.id
_chem_comp.type
_chem_comp.name
_chem_comp.formula
ACT non-polymer 'ACETATE ION' 'C2 H3 O2 -1'
GS8 non-polymer S-Hydroxy-Glutathione 'C10 H17 N3 O7 S'
#
# COMPACT_ATOMS: atom_id res chain seq x y z
N ALA A 2 19.30 -14.96 8.05
CA ALA A 2 17.98 -14.59 8.56
C ALA A 2 16.95 -15.63 8.17
N ASP A 3 16.17 -16.09 9.16
CA ASP A 3 15.10 -17.07 8.96
C ASP A 3 14.05 -16.49 8.00
N VAL A 4 13.58 -15.27 8.25
CA VAL A 4 12.55 -14.65 7.42
C VAL A 4 13.12 -14.18 6.09
N LYS A 5 12.44 -14.51 4.99
CA LYS A 5 12.85 -14.05 3.66
C LYS A 5 11.70 -13.29 3.02
N LEU A 6 12.02 -12.28 2.22
CA LEU A 6 11.00 -11.55 1.48
C LEU A 6 11.38 -11.42 0.03
N HIS A 7 10.60 -11.99 -0.87
CA HIS A 7 10.82 -11.84 -2.31
C HIS A 7 10.01 -10.62 -2.70
N GLY A 8 10.67 -9.59 -3.22
CA GLY A 8 9.96 -8.37 -3.61
C GLY A 8 10.38 -7.81 -4.95
N PHE A 9 9.91 -6.58 -5.21
CA PHE A 9 10.24 -5.84 -6.45
C PHE A 9 10.45 -4.39 -6.01
N TRP A 10 11.55 -3.77 -6.44
CA TRP A 10 11.94 -2.45 -5.98
C TRP A 10 10.86 -1.38 -6.07
N ALA A 11 9.98 -1.48 -7.06
CA ALA A 11 8.97 -0.46 -7.29
C ALA A 11 7.58 -0.85 -6.80
N SER A 12 7.46 -1.96 -6.06
CA SER A 12 6.17 -2.46 -5.62
C SER A 12 5.69 -1.92 -4.29
N PRO A 13 4.50 -1.29 -4.26
CA PRO A 13 3.93 -0.91 -2.96
C PRO A 13 3.58 -2.15 -2.13
N PHE A 14 3.25 -3.26 -2.78
CA PHE A 14 2.85 -4.50 -2.10
C PHE A 14 3.98 -5.10 -1.29
N SER A 15 5.22 -5.14 -1.86
CA SER A 15 6.37 -5.62 -1.10
CA SER A 15 6.33 -5.66 -1.05
C SER A 15 6.74 -4.61 -0.01
N TYR A 16 6.58 -3.28 -0.32
CA TYR A 16 6.87 -2.25 0.71
C TYR A 16 5.96 -2.39 1.93
N ARG A 17 4.68 -2.84 1.75
CA ARG A 17 3.80 -3.06 2.90
C ARG A 17 4.45 -4.03 3.92
N VAL A 18 5.06 -5.13 3.37
CA VAL A 18 5.69 -6.14 4.21
C VAL A 18 6.94 -5.61 4.83
N ILE A 19 7.77 -4.87 4.08
CA ILE A 19 8.99 -4.26 4.67
C ILE A 19 8.61 -3.36 5.88
N TRP A 20 7.56 -2.52 5.72
CA TRP A 20 7.14 -1.64 6.81
C TRP A 20 6.73 -2.41 8.04
N ALA A 21 5.92 -3.48 7.85
CA ALA A 21 5.46 -4.25 8.99
C ALA A 21 6.64 -4.95 9.69
N LEU A 22 7.56 -5.54 8.91
CA LEU A 22 8.72 -6.22 9.51
C LEU A 22 9.61 -5.25 10.24
N LYS A 23 9.86 -4.08 9.63
CA LYS A 23 10.75 -3.12 10.29
C LYS A 23 10.12 -2.55 11.55
N LEU A 24 8.78 -2.39 11.56
CA LEU A 24 8.06 -1.88 12.72
C LEU A 24 8.19 -2.88 13.87
N LYS A 25 8.02 -4.17 13.55
CA LYS A 25 8.12 -5.27 14.53
C LYS A 25 9.60 -5.53 14.97
N GLY A 26 10.56 -5.04 14.19
CA GLY A 26 11.97 -5.26 14.45
C GLY A 26 12.40 -6.68 14.09
N VAL A 27 11.76 -7.25 13.06
CA VAL A 27 12.06 -8.60 12.60
C VAL A 27 13.11 -8.55 11.52
N GLU A 28 14.24 -9.23 11.74
CA GLU A 28 15.27 -9.26 10.70
C GLU A 28 14.82 -10.13 9.55
N PHE A 29 15.19 -9.72 8.35
CA PHE A 29 14.83 -10.48 7.17
C PHE A 29 15.83 -10.33 6.03
N GLU A 30 15.85 -11.33 5.17
CA GLU A 30 16.66 -11.30 3.97
C GLU A 30 15.73 -10.86 2.86
N TYR A 31 16.16 -9.89 2.08
CA TYR A 31 15.38 -9.38 0.98
C TYR A 31 15.93 -9.93 -0.35
N ILE A 32 15.05 -10.46 -1.20
CA ILE A 32 15.41 -10.99 -2.51
C ILE A 32 14.69 -10.18 -3.58
N GLU A 33 15.45 -9.52 -4.45
CA GLU A 33 14.88 -8.72 -5.52
C GLU A 33 14.55 -9.62 -6.70
N GLU A 34 13.29 -9.69 -7.08
CA GLU A 34 12.88 -10.52 -8.20
C GLU A 34 12.86 -9.79 -9.53
N ASP A 35 13.38 -10.46 -10.58
CA ASP A 35 13.30 -9.90 -11.93
C ASP A 35 11.96 -10.47 -12.44
N LEU A 36 10.95 -9.61 -12.61
CA LEU A 36 9.63 -10.05 -13.03
C LEU A 36 9.58 -10.64 -14.44
N ALA A 37 10.60 -10.39 -15.27
CA ALA A 37 10.72 -10.98 -16.60
C ALA A 37 11.40 -12.38 -16.54
N ASN A 38 12.13 -12.70 -15.45
CA ASN A 38 12.79 -13.99 -15.24
C ASN A 38 12.64 -14.36 -13.76
N LYS A 39 11.44 -14.80 -13.38
CA LYS A 39 11.10 -15.13 -12.00
C LYS A 39 11.94 -16.28 -11.46
N SER A 40 12.42 -16.15 -10.22
CA SER A 40 13.25 -17.18 -9.61
C SER A 40 12.48 -18.49 -9.46
N GLU A 41 13.24 -19.61 -9.36
CA GLU A 41 12.64 -20.92 -9.13
C GLU A 41 11.90 -20.92 -7.79
N LEU A 42 12.45 -20.24 -6.77
CA LEU A 42 11.78 -20.16 -5.48
C LEU A 42 10.47 -19.36 -5.60
N LEU A 43 10.44 -18.26 -6.37
CA LEU A 43 9.18 -17.50 -6.54
C LEU A 43 8.07 -18.37 -7.15
N LEU A 44 8.39 -19.10 -8.25
CA LEU A 44 7.41 -19.95 -8.92
C LEU A 44 7.02 -21.16 -8.06
N LYS A 45 7.94 -21.66 -7.22
CA LYS A 45 7.63 -22.78 -6.36
C LYS A 45 6.72 -22.32 -5.20
N TYR A 46 7.06 -21.17 -4.59
CA TYR A 46 6.36 -20.64 -3.44
C TYR A 46 5.00 -20.02 -3.76
N ASN A 47 4.85 -19.42 -4.95
CA ASN A 47 3.57 -18.80 -5.33
C ASN A 47 3.08 -19.30 -6.68
N PRO A 48 2.73 -20.59 -6.78
CA PRO A 48 2.24 -21.10 -8.06
C PRO A 48 0.90 -20.52 -8.49
N VAL A 49 0.03 -20.16 -7.52
CA VAL A 49 -1.30 -19.62 -7.88
C VAL A 49 -1.23 -18.30 -8.65
N TYR A 50 -0.46 -17.31 -8.13
CA TYR A 50 -0.41 -16.00 -8.77
C TYR A 50 0.90 -15.65 -9.46
N LYS A 51 1.99 -16.29 -9.05
CA LYS A 51 3.33 -16.03 -9.61
C LYS A 51 3.72 -14.57 -9.42
N GLN A 52 3.38 -14.01 -8.24
CA GLN A 52 3.63 -12.60 -7.95
C GLN A 52 4.46 -12.42 -6.69
N ILE A 53 5.07 -11.24 -6.57
CA ILE A 53 5.66 -10.83 -5.31
C ILE A 53 4.58 -9.93 -4.63
N PRO A 54 4.67 -9.70 -3.32
CA PRO A 54 5.65 -10.30 -2.40
C PRO A 54 5.36 -11.77 -2.09
N VAL A 55 6.41 -12.48 -1.72
CA VAL A 55 6.32 -13.81 -1.15
C VAL A 55 7.15 -13.74 0.11
N PHE A 56 6.52 -13.96 1.26
CA PHE A 56 7.18 -13.93 2.55
C PHE A 56 7.45 -15.39 2.94
N VAL A 57 8.61 -15.69 3.52
CA VAL A 57 8.95 -17.08 3.87
C VAL A 57 9.41 -17.10 5.31
N HIS A 58 8.81 -17.97 6.14
CA HIS A 58 9.17 -18.03 7.55
C HIS A 58 9.32 -19.49 7.94
N GLY A 59 10.51 -19.85 8.35
CA GLY A 59 10.80 -21.25 8.66
C GLY A 59 10.69 -22.14 7.43
N GLY A 60 11.03 -21.60 6.26
CA GLY A 60 10.95 -22.32 4.99
C GLY A 60 9.55 -22.42 4.39
N LYS A 61 8.54 -21.85 5.08
CA LYS A 61 7.15 -21.91 4.62
C LYS A 61 6.71 -20.59 3.99
N PRO A 62 6.18 -20.63 2.76
CA PRO A 62 5.83 -19.38 2.07
C PRO A 62 4.41 -18.93 2.29
N ILE A 63 4.23 -17.61 2.18
CA ILE A 63 2.94 -16.96 2.24
C ILE A 63 2.92 -15.92 1.14
N ALA A 64 1.91 -15.96 0.30
CA ALA A 64 1.69 -14.95 -0.75
C ALA A 64 0.48 -14.05 -0.35
N GLU A 65 0.35 -12.87 -1.01
CA GLU A 65 -0.70 -11.86 -0.84
C GLU A 65 -0.39 -10.97 0.34
N SER A 66 0.02 -9.75 0.05
CA SER A 66 0.45 -8.77 1.05
C SER A 66 -0.48 -8.66 2.26
N LEU A 67 -1.83 -8.65 2.05
CA LEU A 67 -2.73 -8.50 3.21
C LEU A 67 -2.71 -9.73 4.11
N VAL A 68 -2.59 -10.90 3.48
CA VAL A 68 -2.52 -12.16 4.22
C VAL A 68 -1.19 -12.22 4.99
N ILE A 69 -0.09 -11.79 4.34
CA ILE A 69 1.22 -11.78 5.00
C ILE A 69 1.18 -10.84 6.21
N LEU A 70 0.59 -9.63 6.01
CA LEU A 70 0.49 -8.66 7.12
C LEU A 70 -0.20 -9.26 8.35
N GLU A 71 -1.34 -9.96 8.17
CA GLU A 71 -2.03 -10.57 9.30
C GLU A 71 -1.19 -11.68 9.96
N TYR A 72 -0.44 -12.44 9.14
CA TYR A 72 0.47 -13.48 9.69
C TYR A 72 1.54 -12.81 10.57
N ILE A 73 2.12 -11.70 10.08
CA ILE A 73 3.16 -11.00 10.86
C ILE A 73 2.57 -10.47 12.19
N GLU A 74 1.35 -9.93 12.12
CA GLU A 74 0.71 -9.42 13.32
C GLU A 74 0.42 -10.54 14.35
N GLU A 75 0.07 -11.74 13.86
CA GLU A 75 -0.22 -12.84 14.78
C GLU A 75 1.06 -13.51 15.33
N THR A 76 2.10 -13.54 14.51
CA THR A 76 3.37 -14.21 14.84
C THR A 76 4.25 -13.36 15.73
N TRP A 77 4.27 -12.04 15.49
CA TRP A 77 5.03 -11.11 16.32
C TRP A 77 4.02 -10.10 16.92
N PRO A 78 3.26 -10.53 17.93
CA PRO A 78 2.17 -9.68 18.45
C PRO A 78 2.59 -8.42 19.18
N GLU A 79 3.87 -8.32 19.60
CA GLU A 79 4.32 -7.10 20.27
CA GLU A 79 4.39 -7.13 20.26
C GLU A 79 4.34 -5.97 19.24
N ASN A 80 4.19 -4.70 19.70
CA ASN A 80 4.09 -3.50 18.82
C ASN A 80 2.85 -3.73 17.91
N PRO A 81 1.66 -3.87 18.52
CA PRO A 81 0.50 -4.27 17.72
C PRO A 81 0.14 -3.33 16.60
N LEU A 82 -0.18 -3.89 15.42
CA LEU A 82 -0.63 -3.16 14.25
C LEU A 82 -2.14 -3.34 13.95
N LEU A 83 -2.83 -4.07 14.84
CA LEU A 83 -4.28 -4.18 14.82
C LEU A 83 -4.77 -3.99 16.28
N PRO A 84 -5.98 -3.47 16.46
CA PRO A 84 -6.54 -3.36 17.82
C PRO A 84 -6.82 -4.76 18.39
N THR A 85 -7.03 -4.86 19.71
CA THR A 85 -7.34 -6.15 20.34
C THR A 85 -8.87 -6.39 20.35
N ASP A 86 -9.65 -5.33 20.50
CA ASP A 86 -11.12 -5.48 20.53
C ASP A 86 -11.66 -6.01 19.20
N PRO A 87 -12.46 -7.10 19.20
CA PRO A 87 -12.97 -7.63 17.92
C PRO A 87 -13.73 -6.62 17.04
N TYR A 88 -14.57 -5.74 17.66
CA TYR A 88 -15.29 -4.75 16.85
C TYR A 88 -14.31 -3.79 16.17
N GLU A 89 -13.33 -3.23 16.93
CA GLU A 89 -12.34 -2.34 16.32
CA GLU A 89 -12.39 -2.32 16.26
C GLU A 89 -11.52 -3.07 15.24
N ARG A 90 -11.24 -4.38 15.47
CA ARG A 90 -10.48 -5.15 14.47
C ARG A 90 -11.32 -5.33 13.19
N ALA A 91 -12.64 -5.52 13.34
CA ALA A 91 -13.53 -5.66 12.21
C ALA A 91 -13.58 -4.35 11.40
N MET A 92 -13.56 -3.20 12.10
CA MET A 92 -13.54 -1.91 11.38
C MET A 92 -12.23 -1.76 10.63
N ALA A 93 -11.10 -2.19 11.26
CA ALA A 93 -9.82 -2.14 10.54
C ALA A 93 -9.86 -3.02 9.28
N ARG A 94 -10.37 -4.27 9.42
CA ARG A 94 -10.42 -5.15 8.26
C ARG A 94 -11.37 -4.62 7.18
N PHE A 95 -12.46 -3.97 7.61
CA PHE A 95 -13.45 -3.36 6.71
C PHE A 95 -12.74 -2.30 5.85
N TRP A 96 -11.96 -1.41 6.48
CA TRP A 96 -11.29 -0.37 5.72
C TRP A 96 -10.10 -0.88 4.88
N ILE A 97 -9.44 -1.94 5.34
CA ILE A 97 -8.39 -2.55 4.52
C ILE A 97 -9.05 -3.16 3.24
N GLN A 98 -10.21 -3.84 3.39
CA GLN A 98 -10.91 -4.43 2.26
C GLN A 98 -11.46 -3.37 1.31
N TYR A 99 -11.91 -2.24 1.86
CA TYR A 99 -12.42 -1.12 1.04
C TYR A 99 -11.28 -0.59 0.15
N GLY A 100 -10.10 -0.44 0.74
CA GLY A 100 -8.92 -0.03 -0.01
C GLY A 100 -8.57 -0.99 -1.15
N ALA A 101 -8.59 -2.31 -0.87
CA ALA A 101 -8.30 -3.31 -1.89
C ALA A 101 -9.34 -3.25 -3.02
N THR A 102 -10.62 -3.14 -2.67
CA THR A 102 -11.67 -3.11 -3.68
C THR A 102 -11.55 -1.87 -4.57
N LYS A 103 -11.34 -0.72 -3.94
CA LYS A 103 -11.31 0.55 -4.66
C LYS A 103 -9.98 0.86 -5.34
N SER A 104 -8.91 0.09 -5.04
CA SER A 104 -7.60 0.38 -5.65
C SER A 104 -7.64 0.35 -7.20
N ALA A 105 -8.60 -0.39 -7.78
CA ALA A 105 -8.74 -0.49 -9.24
C ALA A 105 -9.03 0.87 -9.88
N ALA A 106 -9.73 1.78 -9.15
CA ALA A 106 -10.02 3.11 -9.67
C ALA A 106 -8.76 3.93 -9.95
N PHE A 107 -7.68 3.68 -9.18
CA PHE A 107 -6.44 4.42 -9.34
C PHE A 107 -5.71 3.99 -10.62
N GLY A 108 -5.72 2.69 -10.90
CA GLY A 108 -5.14 2.17 -12.13
C GLY A 108 -5.91 2.67 -13.34
N ALA A 109 -7.25 2.73 -13.21
CA ALA A 109 -8.12 3.25 -14.26
C ALA A 109 -7.76 4.71 -14.57
N LEU A 110 -7.56 5.54 -13.53
CA LEU A 110 -7.20 6.95 -13.73
C LEU A 110 -5.80 7.08 -14.33
N PHE A 111 -4.87 6.21 -13.91
CA PHE A 111 -3.50 6.22 -14.41
C PHE A 111 -3.43 5.90 -15.91
N ARG A 112 -4.31 5.02 -16.41
CA ARG A 112 -4.30 4.66 -17.82
C ARG A 112 -5.41 5.33 -18.66
N ALA A 113 -6.21 6.22 -18.04
CA ALA A 113 -7.29 6.89 -18.74
C ALA A 113 -6.78 7.83 -19.82
N SER A 114 -7.36 7.72 -21.03
CA SER A 114 -7.04 8.60 -22.15
C SER A 114 -7.62 10.00 -21.88
N GLY A 115 -7.30 10.99 -22.71
CA GLY A 115 -7.78 12.37 -22.58
C GLY A 115 -9.28 12.48 -22.30
N GLU A 116 -10.08 11.68 -23.03
CA GLU A 116 -11.52 11.62 -22.81
C GLU A 116 -11.78 10.57 -21.73
N GLU A 117 -12.72 10.85 -20.81
CA GLU A 117 -13.03 9.98 -19.67
C GLU A 117 -11.95 10.01 -18.54
N LEU A 118 -10.96 10.91 -18.66
CA LEU A 118 -9.97 11.16 -17.63
C LEU A 118 -10.69 11.94 -16.50
N GLU A 119 -11.53 12.93 -16.86
CA GLU A 119 -12.34 13.72 -15.95
C GLU A 119 -13.27 12.82 -15.14
N LYS A 120 -13.84 11.79 -15.78
CA LYS A 120 -14.74 10.85 -15.12
C LYS A 120 -13.97 9.92 -14.16
N ALA A 121 -12.79 9.43 -14.60
CA ALA A 121 -11.96 8.56 -13.78
C ALA A 121 -11.49 9.31 -12.53
N ALA A 122 -11.12 10.60 -12.68
CA ALA A 122 -10.68 11.44 -11.57
C ALA A 122 -11.83 11.70 -10.60
N LYS A 123 -13.06 11.87 -11.13
CA LYS A 123 -14.25 12.10 -10.33
C LYS A 123 -14.50 10.89 -9.41
N GLU A 124 -14.38 9.69 -9.97
CA GLU A 124 -14.61 8.47 -9.21
C GLU A 124 -13.54 8.27 -8.10
N VAL A 125 -12.29 8.66 -8.39
CA VAL A 125 -11.23 8.57 -7.37
C VAL A 125 -11.51 9.56 -6.23
N VAL A 126 -11.88 10.83 -6.56
CA VAL A 126 -12.18 11.81 -5.51
C VAL A 126 -13.28 11.32 -4.55
N GLU A 127 -14.35 10.68 -5.09
CA GLU A 127 -15.41 10.20 -4.22
CA GLU A 127 -15.45 10.14 -4.28
C GLU A 127 -14.95 9.03 -3.36
N VAL A 128 -14.06 8.18 -3.87
CA VAL A 128 -13.48 7.08 -3.07
C VAL A 128 -12.71 7.72 -1.88
N LEU A 129 -11.91 8.74 -2.19
CA LEU A 129 -11.12 9.41 -1.16
C LEU A 129 -11.99 10.14 -0.13
N ARG A 130 -13.12 10.76 -0.59
CA ARG A 130 -14.01 11.46 0.33
CA ARG A 130 -14.01 11.46 0.31
C ARG A 130 -14.63 10.49 1.31
N VAL A 131 -15.10 9.34 0.84
CA VAL A 131 -15.70 8.35 1.74
C VAL A 131 -14.63 7.83 2.72
N LEU A 132 -13.42 7.59 2.22
CA LEU A 132 -12.31 7.11 3.06
C LEU A 132 -12.01 8.14 4.18
N GLN A 133 -11.95 9.42 3.79
CA GLN A 133 -11.74 10.49 4.75
C GLN A 133 -12.86 10.61 5.78
N GLU A 134 -14.13 10.71 5.32
CA GLU A 134 -15.24 10.96 6.20
CA GLU A 134 -15.27 10.93 6.18
C GLU A 134 -15.61 9.79 7.10
N GLN A 135 -15.63 8.59 6.54
CA GLN A 135 -16.06 7.43 7.29
C GLN A 135 -14.94 6.56 7.84
N GLY A 136 -13.76 6.64 7.23
CA GLY A 136 -12.65 5.83 7.70
C GLY A 136 -11.74 6.59 8.64
N LEU A 137 -11.13 7.67 8.15
CA LEU A 137 -10.17 8.41 8.94
C LEU A 137 -10.80 9.27 10.05
N GLY A 138 -11.84 10.03 9.69
CA GLY A 138 -12.44 10.96 10.64
C GLY A 138 -11.45 11.99 11.13
N ASP A 139 -11.49 12.30 12.44
CA ASP A 139 -10.57 13.27 13.04
C ASP A 139 -9.27 12.66 13.59
N LYS A 140 -9.01 11.37 13.30
CA LYS A 140 -7.79 10.74 13.80
C LYS A 140 -6.57 11.23 13.03
N LYS A 141 -5.36 11.21 13.65
CA LYS A 141 -4.16 11.59 12.92
C LYS A 141 -3.87 10.54 11.83
N PHE A 142 -3.97 9.26 12.22
CA PHE A 142 -3.75 8.12 11.32
C PHE A 142 -4.94 7.19 11.39
N PHE A 143 -5.08 6.29 10.42
CA PHE A 143 -6.13 5.27 10.52
C PHE A 143 -5.99 4.44 11.84
N GLY A 144 -4.75 4.31 12.32
CA GLY A 144 -4.45 3.60 13.55
C GLY A 144 -4.52 4.44 14.82
N GLY A 145 -5.00 5.69 14.70
CA GLY A 145 -5.12 6.60 15.82
C GLY A 145 -3.93 7.54 15.91
N ASP A 146 -3.18 7.43 17.02
CA ASP A 146 -2.00 8.30 17.18
C ASP A 146 -0.73 7.77 16.52
N SER A 147 -0.74 6.52 16.04
CA SER A 147 0.40 5.96 15.32
C SER A 147 -0.12 5.05 14.20
N ILE A 148 0.71 4.78 13.20
CA ILE A 148 0.26 3.97 12.07
C ILE A 148 -0.07 2.53 12.46
N ASN A 149 -1.04 1.96 11.75
CA ASN A 149 -1.35 0.55 11.96
C ASN A 149 -1.47 -0.16 10.58
N LEU A 150 -2.01 -1.40 10.53
CA LEU A 150 -2.10 -2.11 9.24
C LEU A 150 -3.00 -1.36 8.22
N VAL A 151 -3.96 -0.54 8.72
CA VAL A 151 -4.83 0.23 7.84
C VAL A 151 -3.99 1.29 7.16
N ASP A 152 -3.15 2.04 7.95
CA ASP A 152 -2.28 3.03 7.31
C ASP A 152 -1.32 2.35 6.32
N ILE A 153 -0.75 1.20 6.73
CA ILE A 153 0.16 0.51 5.83
C ILE A 153 -0.52 0.10 4.52
N SER A 154 -1.78 -0.36 4.56
CA SER A 154 -2.51 -0.73 3.37
CA SER A 154 -2.50 -0.74 3.36
C SER A 154 -2.76 0.45 2.45
N TYR A 155 -2.89 1.65 3.03
CA TYR A 155 -3.15 2.87 2.29
C TYR A 155 -1.90 3.57 1.79
N GLY A 156 -0.71 2.99 2.01
CA GLY A 156 0.50 3.51 1.34
C GLY A 156 0.36 3.43 -0.19
N LEU A 157 -0.44 2.44 -0.67
CA LEU A 157 -0.74 2.19 -2.07
C LEU A 157 -1.46 3.41 -2.69
N PHE A 158 -2.36 4.04 -1.91
CA PHE A 158 -3.10 5.22 -2.36
C PHE A 158 -2.14 6.38 -2.49
N VAL A 159 -1.23 6.57 -1.50
CA VAL A 159 -0.25 7.65 -1.59
C VAL A 159 0.66 7.48 -2.81
N TYR A 160 1.07 6.22 -3.09
CA TYR A 160 1.94 5.87 -4.23
C TYR A 160 1.22 6.26 -5.53
N TRP A 161 -0.07 5.91 -5.62
CA TRP A 161 -0.83 6.21 -6.83
C TRP A 161 -1.05 7.67 -7.01
N LEU A 162 -1.41 8.36 -5.93
CA LEU A 162 -1.71 9.79 -6.01
C LEU A 162 -0.51 10.60 -6.43
N ALA A 163 0.65 10.34 -5.81
CA ALA A 163 1.86 11.07 -6.14
C ALA A 163 2.25 10.85 -7.61
N ALA A 164 2.16 9.61 -8.09
CA ALA A 164 2.47 9.26 -9.48
C ALA A 164 1.48 9.88 -10.48
N ILE A 165 0.17 9.81 -10.20
CA ILE A 165 -0.87 10.38 -11.06
C ILE A 165 -0.67 11.88 -11.18
N GLU A 166 -0.39 12.56 -10.08
CA GLU A 166 -0.13 14.00 -10.11
C GLU A 166 1.09 14.35 -10.97
N ASP A 167 2.22 13.66 -10.75
CA ASP A 167 3.46 13.97 -11.47
C ASP A 167 3.52 13.47 -12.92
N ILE A 168 2.65 12.51 -13.31
CA ILE A 168 2.66 11.92 -14.66
C ILE A 168 1.41 12.27 -15.47
N VAL A 169 0.23 12.02 -14.92
CA VAL A 169 -1.04 12.32 -15.59
C VAL A 169 -1.37 13.82 -15.54
N GLY A 170 -0.83 14.54 -14.57
CA GLY A 170 -1.06 15.97 -14.44
C GLY A 170 -2.37 16.36 -13.77
N VAL A 171 -3.03 15.40 -13.09
CA VAL A 171 -4.27 15.70 -12.39
C VAL A 171 -4.11 15.47 -10.87
N LYS A 172 -4.58 16.41 -10.07
CA LYS A 172 -4.48 16.32 -8.62
C LYS A 172 -5.84 15.95 -8.04
N VAL A 173 -5.98 14.72 -7.54
CA VAL A 173 -7.23 14.25 -6.94
C VAL A 173 -7.27 14.35 -5.41
N LEU A 174 -6.17 14.76 -4.78
CA LEU A 174 -6.13 14.95 -3.35
C LEU A 174 -5.74 16.41 -3.10
N GLU A 175 -6.72 17.31 -3.18
CA GLU A 175 -6.50 18.76 -3.00
C GLU A 175 -6.72 19.12 -1.54
N PRO A 176 -5.83 19.93 -0.95
CA PRO A 176 -5.98 20.30 0.45
C PRO A 176 -7.30 21.01 0.78
N SER A 177 -7.79 21.89 -0.13
CA SER A 177 -9.04 22.60 0.19
C SER A 177 -10.27 21.71 0.02
N THR A 178 -10.15 20.60 -0.76
CA THR A 178 -11.29 19.69 -0.97
C THR A 178 -11.32 18.56 0.06
N LEU A 179 -10.14 18.05 0.44
CA LEU A 179 -10.07 16.93 1.40
C LEU A 179 -9.01 17.27 2.45
N PRO A 180 -9.25 18.30 3.27
CA PRO A 180 -8.18 18.74 4.18
C PRO A 180 -7.66 17.65 5.12
N ARG A 181 -8.58 16.88 5.74
CA ARG A 181 -8.12 15.86 6.69
C ARG A 181 -7.33 14.73 6.00
N LEU A 182 -7.81 14.24 4.85
CA LEU A 182 -7.07 13.18 4.14
C LEU A 182 -5.74 13.72 3.59
N HIS A 183 -5.70 15.02 3.18
CA HIS A 183 -4.45 15.55 2.67
C HIS A 183 -3.43 15.65 3.83
N ALA A 184 -3.88 16.07 5.01
CA ALA A 184 -3.00 16.18 6.19
C ALA A 184 -2.50 14.77 6.58
N TRP A 185 -3.38 13.75 6.48
CA TRP A 185 -3.01 12.37 6.75
C TRP A 185 -1.87 11.93 5.82
N ALA A 186 -2.02 12.15 4.50
CA ALA A 186 -1.03 11.74 3.50
C ALA A 186 0.31 12.39 3.78
N GLN A 187 0.32 13.67 4.18
CA GLN A 187 1.58 14.32 4.52
C GLN A 187 2.19 13.72 5.78
N ASN A 188 1.36 13.49 6.81
CA ASN A 188 1.84 12.92 8.06
C ASN A 188 2.38 11.50 7.83
N PHE A 189 1.72 10.72 7.00
CA PHE A 189 2.14 9.35 6.70
C PHE A 189 3.55 9.34 6.06
N ILE A 190 3.74 10.20 5.03
CA ILE A 190 5.01 10.32 4.33
C ILE A 190 6.14 10.77 5.26
N GLU A 191 5.82 11.54 6.32
CA GLU A 191 6.82 12.04 7.25
C GLU A 191 7.15 11.07 8.39
N VAL A 192 6.39 9.94 8.51
CA VAL A 192 6.73 8.98 9.58
C VAL A 192 8.13 8.42 9.27
N PRO A 193 9.10 8.50 10.22
CA PRO A 193 10.48 8.05 9.88
C PRO A 193 10.56 6.65 9.23
N LEU A 194 9.76 5.68 9.71
CA LEU A 194 9.73 4.37 9.08
C LEU A 194 9.43 4.44 7.56
N ILE A 195 8.47 5.31 7.18
CA ILE A 195 8.09 5.48 5.78
C ILE A 195 9.16 6.23 5.02
N LYS A 196 9.62 7.37 5.58
CA LYS A 196 10.70 8.17 4.99
C LYS A 196 11.94 7.31 4.65
N GLU A 197 12.26 6.36 5.53
CA GLU A 197 13.44 5.52 5.37
C GLU A 197 13.26 4.32 4.45
N ASN A 198 12.00 4.02 4.05
CA ASN A 198 11.71 2.83 3.28
C ASN A 198 10.71 3.09 2.16
N HIS A 199 11.22 3.52 1.01
CA HIS A 199 10.34 3.74 -0.16
C HIS A 199 11.18 3.77 -1.43
N PRO A 200 10.58 3.47 -2.59
CA PRO A 200 11.38 3.48 -3.82
C PRO A 200 11.94 4.88 -4.10
N ASP A 201 13.15 4.97 -4.73
CA ASP A 201 13.74 6.26 -5.10
C ASP A 201 12.73 6.99 -5.99
N ASN A 202 12.27 8.17 -5.57
CA ASN A 202 11.19 8.86 -6.25
C ASN A 202 11.44 9.17 -7.73
N ASP A 203 12.64 9.66 -8.07
CA ASP A 203 12.97 9.96 -9.47
C ASP A 203 12.93 8.68 -10.30
N LYS A 204 13.54 7.60 -9.77
CA LYS A 204 13.61 6.30 -10.43
C LYS A 204 12.21 5.70 -10.58
N LEU A 205 11.36 5.85 -9.55
CA LEU A 205 10.00 5.34 -9.56
C LEU A 205 9.12 6.07 -10.59
N LEU A 206 9.14 7.42 -10.61
CA LEU A 206 8.32 8.19 -11.55
C LEU A 206 8.71 7.85 -12.99
N LEU A 207 10.02 7.72 -13.27
CA LEU A 207 10.53 7.39 -14.60
C LEU A 207 10.02 6.02 -15.02
N HIS A 208 10.09 5.04 -14.11
CA HIS A 208 9.64 3.69 -14.36
C HIS A 208 8.14 3.68 -14.65
N MET A 209 7.36 4.38 -13.83
CA MET A 209 5.92 4.42 -14.01
C MET A 209 5.49 5.16 -15.27
N LYS A 210 6.23 6.19 -15.66
CA LYS A 210 5.97 6.96 -16.88
C LYS A 210 6.09 6.03 -18.10
N GLY A 211 7.10 5.17 -18.09
CA GLY A 211 7.33 4.19 -19.15
C GLY A 211 6.27 3.11 -19.22
N VAL A 212 5.70 2.76 -18.05
CA VAL A 212 4.63 1.78 -17.93
C VAL A 212 3.34 2.37 -18.54
N ARG A 213 3.05 3.64 -18.23
CA ARG A 213 1.88 4.32 -18.76
C ARG A 213 1.99 4.51 -20.28
N GLU A 214 3.21 4.82 -20.77
CA GLU A 214 3.49 5.01 -22.20
C GLU A 214 3.17 3.77 -23.03
N LYS A 215 3.24 2.57 -22.42
CA LYS A 215 2.91 1.32 -23.10
C LYS A 215 1.42 1.31 -23.45
N MET A 216 0.55 1.62 -22.48
CA MET A 216 -0.88 1.68 -22.74
C MET A 216 -1.24 2.99 -23.44
N MET A 217 -1.54 2.92 -24.74
CA MET A 217 -1.88 4.11 -25.51
C MET A 217 -3.31 4.03 -26.03
CB1 GS8 B . -0.62 -8.01 -5.66
CG1 GS8 B . 0.88 -8.21 -5.93
CD1 GS8 B . 1.34 -7.62 -7.24
OE1 GS8 B . 0.58 -7.01 -7.99
C1 GS8 B . -0.62 -8.42 -3.20
O11 GS8 B . -1.18 -7.54 -2.60
O12 GS8 B . 0.41 -9.09 -2.74
N1 GS8 B . -2.61 -8.95 -4.53
CA1 GS8 B . -1.14 -8.90 -4.54
N2 GS8 B . 2.63 -7.83 -7.54
CA2 GS8 B . 3.15 -7.59 -8.88
CB2 GS8 B . 4.21 -6.49 -8.90
SG2 GS8 B . 3.87 -5.08 -7.83
O13 GS8 B . 3.30 -3.88 -8.89
C2 GS8 B . 3.75 -8.85 -9.48
O2 GS8 B . 4.47 -9.58 -8.82
N3 GS8 B . 3.44 -9.11 -10.76
CA3 GS8 B . 4.04 -10.22 -11.47
C3 GS8 B . 4.22 -10.02 -12.94
O32 GS8 B . 4.32 -8.77 -13.32
O31 GS8 B . 4.30 -10.95 -13.73
C ACT C . 0.81 -19.41 -0.53
O ACT C . 1.70 -19.22 -1.41
OXT ACT C . 0.38 -18.53 0.28
CH3 ACT C . 0.18 -20.82 -0.46
C ACT D . -10.22 3.05 11.21
O ACT D . -9.74 4.23 11.18
OXT ACT D . -11.10 2.63 12.03
CH3 ACT D . -9.63 2.04 10.23
#